data_6XYI
#
_entry.id   6XYI
#
_entity_poly.entity_id   1
_entity_poly.type   'polypeptide(L)'
_entity_poly.pdbx_seq_one_letter_code
;GCKKLNSYCTRQHRECCHGLVCRRPDYGIGRGILWKCTRARK
;
_entity_poly.pdbx_strand_id   A
#
# COMPACT_ATOMS: atom_id res chain seq x y z
N GLY A 1 -10.83 2.65 9.53
CA GLY A 1 -9.64 3.48 9.54
C GLY A 1 -8.75 3.20 8.35
N CYS A 2 -8.17 4.27 7.78
CA CYS A 2 -7.30 4.14 6.62
C CYS A 2 -6.17 3.15 6.90
N LYS A 3 -5.36 2.88 5.89
CA LYS A 3 -4.25 1.95 6.02
C LYS A 3 -2.99 2.66 6.51
N LYS A 4 -2.20 1.98 7.32
CA LYS A 4 -0.97 2.54 7.85
C LYS A 4 0.21 2.26 6.93
N LEU A 5 1.41 2.64 7.36
CA LEU A 5 2.62 2.42 6.57
C LEU A 5 2.84 0.93 6.32
N ASN A 6 3.13 0.59 5.07
CA ASN A 6 3.37 -0.80 4.70
C ASN A 6 2.11 -1.65 4.93
N SER A 7 0.95 -1.01 4.87
CA SER A 7 -0.31 -1.70 5.08
C SER A 7 -0.82 -2.30 3.77
N TYR A 8 -1.40 -3.49 3.86
CA TYR A 8 -1.92 -4.19 2.69
C TYR A 8 -3.06 -3.39 2.05
N CYS A 9 -3.06 -3.35 0.73
CA CYS A 9 -4.09 -2.62 -0.02
C CYS A 9 -4.02 -2.94 -1.51
N THR A 10 -4.83 -2.23 -2.30
CA THR A 10 -4.85 -2.44 -3.74
C THR A 10 -4.72 -1.12 -4.49
N ARG A 11 -4.07 -1.16 -5.64
CA ARG A 11 -3.89 0.04 -6.45
C ARG A 11 -5.20 0.44 -7.13
N GLN A 12 -6.21 -0.40 -6.99
CA GLN A 12 -7.51 -0.13 -7.60
C GLN A 12 -8.37 0.76 -6.69
N HIS A 13 -8.08 0.71 -5.39
CA HIS A 13 -8.82 1.51 -4.41
C HIS A 13 -7.90 1.97 -3.28
N ARG A 14 -7.30 3.15 -3.45
CA ARG A 14 -6.40 3.70 -2.45
C ARG A 14 -7.14 3.95 -1.14
N GLU A 15 -6.59 3.42 -0.05
CA GLU A 15 -7.19 3.59 1.27
C GLU A 15 -6.13 3.88 2.32
N CYS A 16 -4.93 4.25 1.87
CA CYS A 16 -3.83 4.55 2.76
C CYS A 16 -4.04 5.90 3.44
N CYS A 17 -3.52 6.04 4.66
CA CYS A 17 -3.64 7.29 5.41
C CYS A 17 -2.91 8.42 4.71
N HIS A 18 -3.30 9.65 5.02
CA HIS A 18 -2.68 10.83 4.43
C HIS A 18 -1.16 10.76 4.55
N GLY A 19 -0.46 10.96 3.43
CA GLY A 19 0.98 10.92 3.45
C GLY A 19 1.53 9.65 2.82
N LEU A 20 0.79 8.56 2.94
CA LEU A 20 1.20 7.29 2.37
C LEU A 20 0.58 7.06 1.00
N VAL A 21 1.03 6.02 0.31
CA VAL A 21 0.51 5.70 -1.01
C VAL A 21 0.47 4.19 -1.24
N CYS A 22 -0.63 3.71 -1.80
CA CYS A 22 -0.80 2.29 -2.07
C CYS A 22 0.11 1.85 -3.22
N ARG A 23 1.27 1.30 -2.88
CA ARG A 23 2.22 0.83 -3.87
C ARG A 23 2.43 -0.67 -3.76
N ARG A 24 3.24 -1.23 -4.66
CA ARG A 24 3.52 -2.66 -4.68
C ARG A 24 3.92 -3.14 -3.28
N PRO A 25 3.91 -4.47 -3.09
CA PRO A 25 4.27 -5.08 -1.81
C PRO A 25 5.75 -4.94 -1.48
N ASP A 26 6.12 -5.24 -0.25
CA ASP A 26 7.50 -5.14 0.19
C ASP A 26 8.26 -6.43 -0.12
N TYR A 27 8.05 -7.45 0.71
CA TYR A 27 8.71 -8.74 0.53
C TYR A 27 7.73 -9.78 0.01
N GLY A 28 6.44 -9.47 0.08
CA GLY A 28 5.42 -10.39 -0.40
C GLY A 28 5.10 -10.19 -1.87
N ILE A 29 5.81 -10.93 -2.73
CA ILE A 29 5.60 -10.84 -4.17
C ILE A 29 5.43 -12.22 -4.78
N GLY A 30 4.67 -13.08 -4.11
CA GLY A 30 4.45 -14.43 -4.61
C GLY A 30 2.99 -14.84 -4.53
N ARG A 31 2.30 -14.35 -3.50
CA ARG A 31 0.89 -14.69 -3.31
C ARG A 31 0.00 -13.50 -3.69
N GLY A 32 -0.66 -13.61 -4.84
CA GLY A 32 -1.54 -12.55 -5.30
C GLY A 32 -0.80 -11.23 -5.49
N ILE A 33 -1.47 -10.27 -6.11
CA ILE A 33 -0.87 -8.96 -6.35
C ILE A 33 -1.23 -7.98 -5.24
N LEU A 34 -0.91 -8.34 -4.01
CA LEU A 34 -1.21 -7.49 -2.86
C LEU A 34 -0.22 -6.33 -2.79
N TRP A 35 -0.76 -5.11 -2.88
CA TRP A 35 0.07 -3.91 -2.82
C TRP A 35 0.08 -3.32 -1.41
N LYS A 36 1.26 -3.01 -0.92
CA LYS A 36 1.41 -2.43 0.42
C LYS A 36 1.66 -0.92 0.33
N CYS A 37 1.03 -0.19 1.24
CA CYS A 37 1.18 1.27 1.28
C CYS A 37 2.62 1.66 1.61
N THR A 38 3.02 2.85 1.17
CA THR A 38 4.37 3.35 1.43
C THR A 38 4.38 4.85 1.63
N ARG A 39 5.20 5.31 2.57
CA ARG A 39 5.29 6.74 2.87
C ARG A 39 5.73 7.53 1.63
N ALA A 40 4.77 8.21 1.01
CA ALA A 40 5.06 9.01 -0.17
C ALA A 40 6.15 10.04 0.10
N ARG A 41 6.57 10.74 -0.95
CA ARG A 41 7.59 11.76 -0.82
C ARG A 41 7.34 12.93 -1.76
N LYS A 42 6.84 14.04 -1.21
CA LYS A 42 6.55 15.22 -2.01
C LYS A 42 6.83 16.50 -1.21
N GLY A 1 -10.42 3.34 9.67
CA GLY A 1 -10.36 4.57 8.89
C GLY A 1 -9.57 4.38 7.61
N CYS A 2 -8.25 4.25 7.73
CA CYS A 2 -7.38 4.07 6.58
C CYS A 2 -6.27 3.08 6.88
N LYS A 3 -5.43 2.81 5.89
CA LYS A 3 -4.32 1.89 6.04
C LYS A 3 -3.08 2.60 6.57
N LYS A 4 -2.29 1.91 7.37
CA LYS A 4 -1.07 2.49 7.94
C LYS A 4 0.12 2.23 7.03
N LEU A 5 1.30 2.66 7.48
CA LEU A 5 2.52 2.47 6.70
C LEU A 5 2.80 0.99 6.47
N ASN A 6 3.08 0.63 5.22
CA ASN A 6 3.35 -0.75 4.85
C ASN A 6 2.11 -1.62 5.04
N SER A 7 0.94 -1.00 4.95
CA SER A 7 -0.33 -1.72 5.11
C SER A 7 -0.78 -2.30 3.79
N TYR A 8 -1.39 -3.48 3.84
CA TYR A 8 -1.87 -4.15 2.64
C TYR A 8 -3.04 -3.39 2.02
N CYS A 9 -3.03 -3.28 0.69
CA CYS A 9 -4.09 -2.58 -0.02
C CYS A 9 -4.03 -2.89 -1.52
N THR A 10 -4.87 -2.20 -2.29
CA THR A 10 -4.91 -2.40 -3.73
C THR A 10 -4.77 -1.07 -4.48
N ARG A 11 -4.24 -1.14 -5.69
CA ARG A 11 -4.04 0.06 -6.49
C ARG A 11 -5.38 0.53 -7.08
N GLN A 12 -6.43 -0.24 -6.86
CA GLN A 12 -7.76 0.11 -7.36
C GLN A 12 -8.45 1.09 -6.42
N HIS A 13 -8.15 0.99 -5.13
CA HIS A 13 -8.75 1.86 -4.14
C HIS A 13 -7.75 2.19 -3.03
N ARG A 14 -6.95 3.23 -3.26
CA ARG A 14 -5.95 3.64 -2.28
C ARG A 14 -6.61 4.07 -0.97
N GLU A 15 -6.65 3.16 -0.01
CA GLU A 15 -7.25 3.44 1.29
C GLU A 15 -6.18 3.78 2.32
N CYS A 16 -4.99 4.10 1.85
CA CYS A 16 -3.87 4.44 2.73
C CYS A 16 -4.10 5.80 3.38
N CYS A 17 -3.60 5.97 4.59
CA CYS A 17 -3.74 7.22 5.32
C CYS A 17 -2.98 8.35 4.62
N HIS A 18 -3.37 9.59 4.92
CA HIS A 18 -2.74 10.75 4.31
C HIS A 18 -1.22 10.68 4.45
N GLY A 19 -0.52 10.87 3.33
CA GLY A 19 0.92 10.82 3.36
C GLY A 19 1.47 9.56 2.73
N LEU A 20 0.73 8.46 2.87
CA LEU A 20 1.15 7.17 2.31
C LEU A 20 0.52 6.95 0.94
N VAL A 21 0.99 5.92 0.25
CA VAL A 21 0.49 5.59 -1.08
C VAL A 21 0.51 4.08 -1.32
N CYS A 22 -0.58 3.56 -1.89
CA CYS A 22 -0.69 2.15 -2.18
C CYS A 22 0.20 1.76 -3.35
N ARG A 23 1.33 1.12 -3.04
CA ARG A 23 2.27 0.70 -4.08
C ARG A 23 2.57 -0.79 -3.95
N ARG A 24 3.58 -1.25 -4.71
CA ARG A 24 3.97 -2.65 -4.69
C ARG A 24 4.12 -3.15 -3.25
N PRO A 25 4.17 -4.48 -3.09
CA PRO A 25 4.31 -5.11 -1.78
C PRO A 25 5.70 -4.89 -1.18
N ASP A 26 6.00 -5.62 -0.11
CA ASP A 26 7.29 -5.51 0.54
C ASP A 26 8.43 -5.96 -0.37
N TYR A 27 8.39 -7.23 -0.77
CA TYR A 27 9.41 -7.77 -1.65
C TYR A 27 8.79 -8.66 -2.73
N GLY A 28 7.57 -8.31 -3.14
CA GLY A 28 6.88 -9.08 -4.15
C GLY A 28 6.12 -10.25 -3.58
N ILE A 29 5.04 -10.64 -4.25
CA ILE A 29 4.22 -11.76 -3.80
C ILE A 29 3.39 -12.32 -4.95
N GLY A 30 3.98 -13.27 -5.68
CA GLY A 30 3.28 -13.88 -6.79
C GLY A 30 1.88 -14.35 -6.41
N ARG A 31 1.70 -14.73 -5.16
CA ARG A 31 0.41 -15.20 -4.69
C ARG A 31 -0.55 -14.03 -4.52
N GLY A 32 -1.07 -13.55 -5.64
CA GLY A 32 -2.01 -12.43 -5.59
C GLY A 32 -1.32 -11.09 -5.73
N ILE A 33 -2.05 -10.10 -6.24
CA ILE A 33 -1.50 -8.76 -6.42
C ILE A 33 -1.76 -7.89 -5.19
N LEU A 34 -1.08 -8.18 -4.10
CA LEU A 34 -1.24 -7.43 -2.87
C LEU A 34 -0.27 -6.25 -2.82
N TRP A 35 -0.81 -5.05 -2.94
CA TRP A 35 0.00 -3.84 -2.91
C TRP A 35 0.04 -3.23 -1.51
N LYS A 36 1.25 -2.99 -1.01
CA LYS A 36 1.42 -2.41 0.31
C LYS A 36 1.61 -0.90 0.23
N CYS A 37 1.08 -0.19 1.23
CA CYS A 37 1.20 1.27 1.27
C CYS A 37 2.60 1.69 1.69
N THR A 38 3.03 2.85 1.20
CA THR A 38 4.35 3.37 1.52
C THR A 38 4.32 4.89 1.63
N ARG A 39 5.09 5.42 2.59
CA ARG A 39 5.15 6.86 2.81
C ARG A 39 5.65 7.57 1.56
N ALA A 40 4.79 8.37 0.94
CA ALA A 40 5.15 9.11 -0.26
C ALA A 40 6.24 10.12 0.02
N ARG A 41 6.66 10.84 -1.01
CA ARG A 41 7.71 11.84 -0.88
C ARG A 41 7.58 12.92 -1.95
N LYS A 42 7.07 14.08 -1.56
CA LYS A 42 6.90 15.19 -2.49
C LYS A 42 7.14 16.52 -1.80
N GLY A 1 -11.34 3.39 9.24
CA GLY A 1 -10.31 4.39 9.01
C GLY A 1 -9.55 4.16 7.73
N CYS A 2 -8.23 4.34 7.78
CA CYS A 2 -7.38 4.14 6.62
C CYS A 2 -6.27 3.13 6.91
N LYS A 3 -5.45 2.86 5.91
CA LYS A 3 -4.35 1.91 6.05
C LYS A 3 -3.10 2.61 6.58
N LYS A 4 -2.32 1.89 7.37
CA LYS A 4 -1.08 2.44 7.95
C LYS A 4 0.10 2.18 7.03
N LEU A 5 1.29 2.57 7.48
CA LEU A 5 2.50 2.38 6.70
C LEU A 5 2.75 0.90 6.43
N ASN A 6 3.06 0.57 5.17
CA ASN A 6 3.32 -0.81 4.78
C ASN A 6 2.07 -1.66 4.97
N SER A 7 0.90 -1.03 4.89
CA SER A 7 -0.37 -1.74 5.05
C SER A 7 -0.82 -2.34 3.72
N TYR A 8 -1.42 -3.52 3.79
CA TYR A 8 -1.90 -4.19 2.59
C TYR A 8 -3.04 -3.42 1.94
N CYS A 9 -3.00 -3.32 0.62
CA CYS A 9 -4.04 -2.60 -0.13
C CYS A 9 -3.94 -2.90 -1.62
N THR A 10 -4.79 -2.24 -2.40
CA THR A 10 -4.79 -2.43 -3.85
C THR A 10 -4.75 -1.10 -4.58
N ARG A 11 -4.25 -1.12 -5.81
CA ARG A 11 -4.16 0.10 -6.61
C ARG A 11 -5.52 0.50 -7.16
N GLN A 12 -6.53 -0.35 -6.91
CA GLN A 12 -7.88 -0.09 -7.38
C GLN A 12 -8.60 0.88 -6.45
N HIS A 13 -8.30 0.79 -5.16
CA HIS A 13 -8.92 1.68 -4.17
C HIS A 13 -7.93 2.02 -3.06
N ARG A 14 -7.13 3.05 -3.29
CA ARG A 14 -6.14 3.48 -2.30
C ARG A 14 -6.82 3.93 -1.01
N GLU A 15 -6.62 3.17 0.06
CA GLU A 15 -7.21 3.50 1.35
C GLU A 15 -6.14 3.86 2.37
N CYS A 16 -4.93 4.14 1.88
CA CYS A 16 -3.81 4.49 2.75
C CYS A 16 -4.05 5.85 3.39
N CYS A 17 -3.54 6.02 4.61
CA CYS A 17 -3.68 7.27 5.34
C CYS A 17 -2.94 8.40 4.64
N HIS A 18 -3.33 9.64 4.94
CA HIS A 18 -2.70 10.80 4.34
C HIS A 18 -1.18 10.74 4.48
N GLY A 19 -0.47 10.93 3.37
CA GLY A 19 0.97 10.89 3.39
C GLY A 19 1.53 9.61 2.77
N LEU A 20 0.78 8.53 2.89
CA LEU A 20 1.19 7.25 2.33
C LEU A 20 0.60 7.04 0.94
N VAL A 21 1.06 5.99 0.26
CA VAL A 21 0.57 5.67 -1.08
C VAL A 21 0.54 4.17 -1.31
N CYS A 22 -0.55 3.69 -1.91
CA CYS A 22 -0.71 2.27 -2.19
C CYS A 22 0.19 1.84 -3.36
N ARG A 23 1.30 1.19 -3.03
CA ARG A 23 2.23 0.72 -4.05
C ARG A 23 2.53 -0.76 -3.88
N ARG A 24 3.45 -1.28 -4.70
CA ARG A 24 3.82 -2.68 -4.64
C ARG A 24 4.09 -3.12 -3.20
N PRO A 25 4.13 -4.44 -2.97
CA PRO A 25 4.38 -5.01 -1.64
C PRO A 25 5.82 -4.79 -1.19
N ASP A 26 6.14 -5.29 0.01
CA ASP A 26 7.48 -5.15 0.56
C ASP A 26 8.39 -6.27 0.05
N TYR A 27 8.24 -7.45 0.63
CA TYR A 27 9.06 -8.60 0.24
C TYR A 27 8.26 -9.58 -0.61
N GLY A 28 6.93 -9.41 -0.61
CA GLY A 28 6.07 -10.28 -1.38
C GLY A 28 6.22 -11.73 -0.98
N ILE A 29 5.39 -12.59 -1.57
CA ILE A 29 5.44 -14.02 -1.27
C ILE A 29 5.46 -14.85 -2.55
N GLY A 30 6.13 -14.33 -3.57
CA GLY A 30 6.23 -15.04 -4.83
C GLY A 30 5.01 -14.83 -5.71
N ARG A 31 3.83 -14.93 -5.11
CA ARG A 31 2.58 -14.75 -5.84
C ARG A 31 1.69 -13.70 -5.16
N GLY A 32 0.50 -13.50 -5.71
CA GLY A 32 -0.41 -12.52 -5.15
C GLY A 32 -0.03 -11.10 -5.48
N ILE A 33 -0.96 -10.35 -6.03
CA ILE A 33 -0.71 -8.95 -6.40
C ILE A 33 -1.14 -8.00 -5.28
N LEU A 34 -0.62 -8.24 -4.08
CA LEU A 34 -0.95 -7.41 -2.93
C LEU A 34 -0.04 -6.19 -2.86
N TRP A 35 -0.63 -5.00 -2.96
CA TRP A 35 0.14 -3.76 -2.91
C TRP A 35 0.13 -3.19 -1.49
N LYS A 36 1.32 -2.92 -0.97
CA LYS A 36 1.46 -2.37 0.37
C LYS A 36 1.66 -0.86 0.32
N CYS A 37 1.07 -0.15 1.28
CA CYS A 37 1.18 1.30 1.34
C CYS A 37 2.59 1.72 1.72
N THR A 38 3.02 2.87 1.23
CA THR A 38 4.35 3.39 1.51
C THR A 38 4.34 4.91 1.62
N ARG A 39 5.04 5.44 2.63
CA ARG A 39 5.11 6.87 2.85
C ARG A 39 5.65 7.58 1.60
N ALA A 40 4.79 8.35 0.94
CA ALA A 40 5.18 9.08 -0.25
C ALA A 40 6.26 10.12 0.07
N ARG A 41 6.79 10.75 -0.98
CA ARG A 41 7.83 11.76 -0.80
C ARG A 41 7.80 12.76 -1.97
N LYS A 42 7.24 13.93 -1.71
CA LYS A 42 7.16 14.98 -2.73
C LYS A 42 8.51 15.64 -2.94
N GLY A 1 -10.74 3.13 9.37
CA GLY A 1 -10.37 4.40 8.78
C GLY A 1 -9.56 4.24 7.52
N CYS A 2 -8.24 4.24 7.66
CA CYS A 2 -7.34 4.10 6.51
C CYS A 2 -6.23 3.10 6.82
N LYS A 3 -5.38 2.85 5.83
CA LYS A 3 -4.28 1.92 5.99
C LYS A 3 -3.04 2.63 6.52
N LYS A 4 -2.25 1.93 7.33
CA LYS A 4 -1.04 2.49 7.91
C LYS A 4 0.16 2.25 7.01
N LEU A 5 1.34 2.64 7.47
CA LEU A 5 2.56 2.46 6.70
C LEU A 5 2.82 0.98 6.42
N ASN A 6 3.10 0.66 5.16
CA ASN A 6 3.36 -0.71 4.76
C ASN A 6 2.13 -1.59 4.98
N SER A 7 0.96 -0.97 4.92
CA SER A 7 -0.30 -1.70 5.11
C SER A 7 -0.78 -2.30 3.80
N TYR A 8 -1.41 -3.46 3.89
CA TYR A 8 -1.93 -4.16 2.72
C TYR A 8 -3.08 -3.38 2.09
N CYS A 9 -3.09 -3.32 0.77
CA CYS A 9 -4.13 -2.61 0.03
C CYS A 9 -4.09 -2.95 -1.45
N THR A 10 -4.90 -2.26 -2.24
CA THR A 10 -4.97 -2.48 -3.68
C THR A 10 -4.81 -1.18 -4.45
N ARG A 11 -4.18 -1.26 -5.62
CA ARG A 11 -3.96 -0.08 -6.45
C ARG A 11 -5.26 0.38 -7.08
N GLN A 12 -6.30 -0.43 -6.94
CA GLN A 12 -7.60 -0.10 -7.50
C GLN A 12 -8.35 0.89 -6.61
N HIS A 13 -8.11 0.80 -5.30
CA HIS A 13 -8.75 1.68 -4.34
C HIS A 13 -7.81 2.02 -3.19
N ARG A 14 -6.98 3.03 -3.39
CA ARG A 14 -6.03 3.45 -2.37
C ARG A 14 -6.75 3.93 -1.12
N GLU A 15 -6.55 3.21 -0.02
CA GLU A 15 -7.19 3.56 1.25
C GLU A 15 -6.14 3.88 2.32
N CYS A 16 -4.93 4.19 1.87
CA CYS A 16 -3.84 4.51 2.78
C CYS A 16 -4.05 5.88 3.44
N CYS A 17 -3.56 6.02 4.66
CA CYS A 17 -3.70 7.28 5.39
C CYS A 17 -2.94 8.40 4.70
N HIS A 18 -3.31 9.64 5.01
CA HIS A 18 -2.66 10.81 4.42
C HIS A 18 -1.14 10.70 4.56
N GLY A 19 -0.45 10.91 3.45
CA GLY A 19 1.01 10.83 3.46
C GLY A 19 1.54 9.57 2.81
N LEU A 20 0.79 8.48 2.95
CA LEU A 20 1.18 7.20 2.37
C LEU A 20 0.52 6.99 1.01
N VAL A 21 0.96 5.96 0.29
CA VAL A 21 0.42 5.65 -1.02
C VAL A 21 0.40 4.14 -1.27
N CYS A 22 -0.69 3.65 -1.83
CA CYS A 22 -0.83 2.23 -2.12
C CYS A 22 0.06 1.83 -3.29
N ARG A 23 1.24 1.29 -2.98
CA ARG A 23 2.19 0.87 -4.00
C ARG A 23 2.46 -0.63 -3.90
N ARG A 24 3.42 -1.11 -4.70
CA ARG A 24 3.77 -2.52 -4.69
C ARG A 24 3.98 -3.02 -3.27
N PRO A 25 4.02 -4.36 -3.12
CA PRO A 25 4.20 -5.00 -1.81
C PRO A 25 5.61 -4.79 -1.26
N ASP A 26 5.85 -5.29 -0.05
CA ASP A 26 7.15 -5.16 0.59
C ASP A 26 8.07 -6.31 0.18
N TYR A 27 7.73 -7.52 0.63
CA TYR A 27 8.53 -8.70 0.32
C TYR A 27 7.84 -9.57 -0.73
N GLY A 28 7.66 -9.01 -1.92
CA GLY A 28 7.00 -9.74 -3.00
C GLY A 28 5.60 -10.19 -2.62
N ILE A 29 5.06 -11.12 -3.40
CA ILE A 29 3.71 -11.62 -3.14
C ILE A 29 3.61 -13.10 -3.50
N GLY A 30 3.88 -13.96 -2.52
CA GLY A 30 3.81 -15.39 -2.75
C GLY A 30 2.54 -15.80 -3.47
N ARG A 31 1.47 -15.05 -3.25
CA ARG A 31 0.19 -15.35 -3.89
C ARG A 31 -0.68 -14.10 -3.96
N GLY A 32 -1.35 -13.89 -5.09
CA GLY A 32 -2.20 -12.73 -5.26
C GLY A 32 -1.42 -11.44 -5.34
N ILE A 33 -1.95 -10.48 -6.09
CA ILE A 33 -1.30 -9.19 -6.27
C ILE A 33 -1.68 -8.23 -5.15
N LEU A 34 -1.01 -8.37 -4.00
CA LEU A 34 -1.28 -7.51 -2.85
C LEU A 34 -0.33 -6.33 -2.82
N TRP A 35 -0.87 -5.12 -2.91
CA TRP A 35 -0.07 -3.90 -2.88
C TRP A 35 -0.02 -3.30 -1.48
N LYS A 36 1.18 -3.01 -1.01
CA LYS A 36 1.37 -2.43 0.32
C LYS A 36 1.58 -0.92 0.22
N CYS A 37 1.06 -0.19 1.21
CA CYS A 37 1.20 1.25 1.25
C CYS A 37 2.64 1.67 1.54
N THR A 38 3.02 2.86 1.10
CA THR A 38 4.36 3.37 1.31
C THR A 38 4.36 4.87 1.52
N ARG A 39 5.17 5.34 2.47
CA ARG A 39 5.27 6.76 2.78
C ARG A 39 5.76 7.55 1.56
N ALA A 40 4.85 8.28 0.93
CA ALA A 40 5.20 9.08 -0.25
C ALA A 40 6.28 10.10 0.08
N ARG A 41 6.73 10.83 -0.93
CA ARG A 41 7.77 11.84 -0.75
C ARG A 41 7.50 13.05 -1.63
N LYS A 42 7.03 14.14 -1.01
CA LYS A 42 6.76 15.37 -1.75
C LYS A 42 8.04 16.13 -2.05
N GLY A 1 -9.96 3.25 9.78
CA GLY A 1 -10.40 4.13 8.71
C GLY A 1 -9.56 3.96 7.46
N CYS A 2 -8.26 4.15 7.58
CA CYS A 2 -7.35 4.02 6.44
C CYS A 2 -6.23 3.03 6.76
N LYS A 3 -5.36 2.80 5.77
CA LYS A 3 -4.24 1.88 5.94
C LYS A 3 -3.03 2.60 6.51
N LYS A 4 -2.26 1.89 7.33
CA LYS A 4 -1.06 2.46 7.93
C LYS A 4 0.16 2.23 7.04
N LEU A 5 1.33 2.61 7.54
CA LEU A 5 2.57 2.45 6.78
C LEU A 5 2.83 0.98 6.49
N ASN A 6 3.12 0.68 5.22
CA ASN A 6 3.39 -0.69 4.80
C ASN A 6 2.17 -1.58 5.00
N SER A 7 0.98 -0.96 4.96
CA SER A 7 -0.27 -1.69 5.14
C SER A 7 -0.75 -2.27 3.81
N TYR A 8 -1.38 -3.44 3.88
CA TYR A 8 -1.89 -4.11 2.69
C TYR A 8 -3.06 -3.33 2.08
N CYS A 9 -3.07 -3.23 0.76
CA CYS A 9 -4.13 -2.51 0.06
C CYS A 9 -4.14 -2.87 -1.42
N THR A 10 -5.13 -2.34 -2.14
CA THR A 10 -5.25 -2.62 -3.57
C THR A 10 -4.98 -1.36 -4.39
N ARG A 11 -4.41 -1.55 -5.58
CA ARG A 11 -4.09 -0.44 -6.46
C ARG A 11 -5.37 0.15 -7.08
N GLN A 12 -6.46 -0.61 -7.01
CA GLN A 12 -7.73 -0.16 -7.56
C GLN A 12 -8.27 1.03 -6.77
N HIS A 13 -8.20 0.95 -5.45
CA HIS A 13 -8.68 2.02 -4.59
C HIS A 13 -7.76 2.20 -3.38
N ARG A 14 -6.80 3.10 -3.51
CA ARG A 14 -5.85 3.37 -2.43
C ARG A 14 -6.58 3.90 -1.20
N GLU A 15 -6.49 3.15 -0.10
CA GLU A 15 -7.14 3.56 1.15
C GLU A 15 -6.11 3.85 2.23
N CYS A 16 -4.89 4.21 1.80
CA CYS A 16 -3.81 4.51 2.73
C CYS A 16 -4.04 5.87 3.40
N CYS A 17 -3.56 5.99 4.63
CA CYS A 17 -3.71 7.23 5.39
C CYS A 17 -2.94 8.37 4.72
N HIS A 18 -3.32 9.60 5.07
CA HIS A 18 -2.66 10.78 4.50
C HIS A 18 -1.15 10.69 4.66
N GLY A 19 -0.43 10.92 3.56
CA GLY A 19 1.02 10.86 3.60
C GLY A 19 1.56 9.60 2.94
N LEU A 20 0.81 8.51 3.05
CA LEU A 20 1.21 7.23 2.45
C LEU A 20 0.61 7.06 1.07
N VAL A 21 1.05 6.02 0.37
CA VAL A 21 0.54 5.73 -0.97
C VAL A 21 0.50 4.22 -1.22
N CYS A 22 -0.61 3.76 -1.81
CA CYS A 22 -0.78 2.35 -2.10
C CYS A 22 0.10 1.92 -3.27
N ARG A 23 1.24 1.32 -2.96
CA ARG A 23 2.18 0.86 -3.98
C ARG A 23 2.41 -0.63 -3.88
N ARG A 24 3.31 -1.15 -4.71
CA ARG A 24 3.63 -2.57 -4.72
C ARG A 24 3.93 -3.07 -3.30
N PRO A 25 3.93 -4.39 -3.13
CA PRO A 25 4.20 -5.02 -1.83
C PRO A 25 5.65 -4.86 -1.40
N ASP A 26 6.00 -5.47 -0.28
CA ASP A 26 7.36 -5.40 0.25
C ASP A 26 8.26 -6.45 -0.40
N TYR A 27 8.10 -7.70 0.03
CA TYR A 27 8.89 -8.79 -0.51
C TYR A 27 8.38 -9.20 -1.90
N GLY A 28 7.10 -8.98 -2.14
CA GLY A 28 6.51 -9.34 -3.42
C GLY A 28 6.67 -10.81 -3.74
N ILE A 29 6.86 -11.62 -2.72
CA ILE A 29 7.02 -13.06 -2.90
C ILE A 29 6.36 -13.83 -1.77
N GLY A 30 5.04 -13.97 -1.83
CA GLY A 30 4.33 -14.69 -0.80
C GLY A 30 2.82 -14.68 -1.03
N ARG A 31 2.31 -13.58 -1.55
CA ARG A 31 0.88 -13.45 -1.82
C ARG A 31 0.63 -13.08 -3.29
N GLY A 32 -0.63 -12.92 -3.65
CA GLY A 32 -0.98 -12.57 -5.01
C GLY A 32 -0.55 -11.16 -5.37
N ILE A 33 -1.47 -10.38 -5.91
CA ILE A 33 -1.16 -9.00 -6.31
C ILE A 33 -1.53 -8.02 -5.21
N LEU A 34 -1.02 -8.27 -4.00
CA LEU A 34 -1.29 -7.40 -2.86
C LEU A 34 -0.32 -6.22 -2.83
N TRP A 35 -0.88 -5.02 -2.88
CA TRP A 35 -0.06 -3.80 -2.85
C TRP A 35 0.00 -3.22 -1.45
N LYS A 36 1.22 -2.94 -0.99
CA LYS A 36 1.42 -2.38 0.34
C LYS A 36 1.65 -0.87 0.27
N CYS A 37 1.12 -0.15 1.25
CA CYS A 37 1.26 1.30 1.30
C CYS A 37 2.70 1.70 1.61
N THR A 38 3.08 2.89 1.17
CA THR A 38 4.44 3.39 1.39
C THR A 38 4.44 4.90 1.60
N ARG A 39 5.28 5.37 2.52
CA ARG A 39 5.38 6.78 2.82
C ARG A 39 5.78 7.58 1.59
N ALA A 40 4.83 8.26 0.98
CA ALA A 40 5.09 9.06 -0.21
C ALA A 40 6.18 10.09 0.05
N ARG A 41 6.52 10.86 -0.99
CA ARG A 41 7.55 11.88 -0.86
C ARG A 41 7.41 12.92 -1.97
N LYS A 42 6.88 14.08 -1.61
CA LYS A 42 6.69 15.17 -2.57
C LYS A 42 8.01 15.85 -2.89
N GLY A 1 -8.99 4.52 10.48
CA GLY A 1 -9.56 4.65 9.15
C GLY A 1 -8.63 4.17 8.06
N CYS A 2 -7.97 5.10 7.40
CA CYS A 2 -7.04 4.78 6.32
C CYS A 2 -6.03 3.72 6.78
N LYS A 3 -5.29 3.18 5.83
CA LYS A 3 -4.28 2.16 6.13
C LYS A 3 -3.00 2.79 6.67
N LYS A 4 -2.23 2.03 7.43
CA LYS A 4 -0.98 2.51 7.99
C LYS A 4 0.19 2.16 7.09
N LEU A 5 1.41 2.51 7.54
CA LEU A 5 2.61 2.22 6.78
C LEU A 5 2.78 0.73 6.56
N ASN A 6 3.11 0.35 5.32
CA ASN A 6 3.31 -1.06 4.99
C ASN A 6 2.01 -1.84 5.13
N SER A 7 0.89 -1.14 5.02
CA SER A 7 -0.42 -1.77 5.13
C SER A 7 -0.87 -2.34 3.79
N TYR A 8 -1.51 -3.50 3.83
CA TYR A 8 -1.99 -4.14 2.62
C TYR A 8 -3.11 -3.34 1.96
N CYS A 9 -3.04 -3.22 0.64
CA CYS A 9 -4.04 -2.47 -0.12
C CYS A 9 -3.93 -2.75 -1.60
N THR A 10 -4.67 -1.99 -2.40
CA THR A 10 -4.66 -2.16 -3.84
C THR A 10 -4.57 -0.81 -4.56
N ARG A 11 -4.01 -0.81 -5.76
CA ARG A 11 -3.87 0.42 -6.54
C ARG A 11 -5.21 0.81 -7.17
N GLN A 12 -6.22 -0.02 -6.96
CA GLN A 12 -7.55 0.24 -7.50
C GLN A 12 -8.35 1.15 -6.57
N HIS A 13 -8.00 1.12 -5.29
CA HIS A 13 -8.69 1.94 -4.29
C HIS A 13 -7.73 2.40 -3.20
N ARG A 14 -7.25 3.63 -3.33
CA ARG A 14 -6.31 4.19 -2.35
C ARG A 14 -6.93 4.21 -0.96
N GLU A 15 -6.44 3.34 -0.08
CA GLU A 15 -6.96 3.26 1.28
C GLU A 15 -5.91 3.76 2.28
N CYS A 16 -4.65 3.76 1.86
CA CYS A 16 -3.56 4.22 2.71
C CYS A 16 -3.74 5.69 3.09
N CYS A 17 -3.28 6.05 4.28
CA CYS A 17 -3.39 7.42 4.76
C CYS A 17 -2.72 8.39 3.79
N HIS A 18 -3.11 9.66 3.87
CA HIS A 18 -2.55 10.69 3.00
C HIS A 18 -1.03 10.64 3.02
N GLY A 19 -0.46 10.64 4.22
CA GLY A 19 0.99 10.60 4.36
C GLY A 19 1.60 9.38 3.69
N LEU A 20 0.80 8.34 3.52
CA LEU A 20 1.26 7.10 2.89
C LEU A 20 0.71 6.97 1.48
N VAL A 21 1.19 5.97 0.76
CA VAL A 21 0.73 5.73 -0.61
C VAL A 21 0.68 4.24 -0.92
N CYS A 22 -0.39 3.81 -1.57
CA CYS A 22 -0.57 2.40 -1.92
C CYS A 22 0.35 2.03 -3.08
N ARG A 23 1.43 1.33 -2.77
CA ARG A 23 2.39 0.90 -3.78
C ARG A 23 2.60 -0.61 -3.73
N ARG A 24 3.48 -1.11 -4.59
CA ARG A 24 3.77 -2.54 -4.65
C ARG A 24 4.05 -3.09 -3.25
N PRO A 25 4.04 -4.43 -3.13
CA PRO A 25 4.29 -5.11 -1.86
C PRO A 25 5.74 -4.98 -1.41
N ASP A 26 6.05 -5.57 -0.25
CA ASP A 26 7.40 -5.52 0.29
C ASP A 26 8.26 -6.65 -0.30
N TYR A 27 7.67 -7.83 -0.43
CA TYR A 27 8.38 -8.97 -0.97
C TYR A 27 7.46 -9.83 -1.83
N GLY A 28 6.50 -9.18 -2.49
CA GLY A 28 5.57 -9.90 -3.34
C GLY A 28 6.25 -10.60 -4.50
N ILE A 29 6.46 -11.91 -4.35
CA ILE A 29 7.11 -12.70 -5.39
C ILE A 29 6.53 -14.11 -5.45
N GLY A 30 5.36 -14.24 -6.07
CA GLY A 30 4.73 -15.54 -6.18
C GLY A 30 3.26 -15.51 -5.81
N ARG A 31 2.92 -14.64 -4.87
CA ARG A 31 1.53 -14.51 -4.43
C ARG A 31 0.75 -13.56 -5.33
N GLY A 32 -0.46 -13.20 -4.92
CA GLY A 32 -1.28 -12.30 -5.71
C GLY A 32 -0.64 -10.94 -5.90
N ILE A 33 -1.39 -10.01 -6.47
CA ILE A 33 -0.88 -8.66 -6.70
C ILE A 33 -1.26 -7.73 -5.56
N LEU A 34 -0.88 -8.09 -4.35
CA LEU A 34 -1.18 -7.29 -3.17
C LEU A 34 -0.21 -6.12 -3.04
N TRP A 35 -0.74 -4.90 -3.08
CA TRP A 35 0.09 -3.70 -2.97
C TRP A 35 0.11 -3.19 -1.53
N LYS A 36 1.30 -3.00 -0.99
CA LYS A 36 1.47 -2.51 0.37
C LYS A 36 1.75 -1.01 0.38
N CYS A 37 1.22 -0.32 1.38
CA CYS A 37 1.42 1.12 1.51
C CYS A 37 2.88 1.44 1.77
N THR A 38 3.30 2.64 1.39
CA THR A 38 4.68 3.08 1.56
C THR A 38 4.75 4.58 1.86
N ARG A 39 5.65 4.96 2.74
CA ARG A 39 5.83 6.36 3.12
C ARG A 39 6.27 7.18 1.90
N ALA A 40 5.30 7.79 1.22
CA ALA A 40 5.60 8.61 0.06
C ALA A 40 4.41 9.50 -0.30
N ARG A 41 4.63 10.44 -1.22
CA ARG A 41 3.58 11.35 -1.64
C ARG A 41 3.82 11.82 -3.08
N LYS A 42 3.05 11.26 -4.02
CA LYS A 42 3.18 11.63 -5.43
C LYS A 42 1.82 11.59 -6.12
N GLY A 1 -8.71 5.31 10.78
CA GLY A 1 -9.47 4.81 9.64
C GLY A 1 -8.59 4.31 8.52
N CYS A 2 -7.94 5.25 7.81
CA CYS A 2 -7.06 4.89 6.71
C CYS A 2 -6.05 3.84 7.13
N LYS A 3 -5.35 3.28 6.16
CA LYS A 3 -4.35 2.25 6.43
C LYS A 3 -3.04 2.87 6.90
N LYS A 4 -2.22 2.08 7.57
CA LYS A 4 -0.94 2.56 8.08
C LYS A 4 0.19 2.26 7.09
N LEU A 5 1.42 2.58 7.47
CA LEU A 5 2.57 2.35 6.62
C LEU A 5 2.75 0.86 6.34
N ASN A 6 3.09 0.53 5.10
CA ASN A 6 3.30 -0.86 4.71
C ASN A 6 2.01 -1.66 4.88
N SER A 7 0.88 -0.98 4.84
CA SER A 7 -0.41 -1.63 4.99
C SER A 7 -0.87 -2.26 3.68
N TYR A 8 -1.46 -3.44 3.77
CA TYR A 8 -1.94 -4.15 2.59
C TYR A 8 -3.09 -3.39 1.92
N CYS A 9 -3.04 -3.32 0.60
CA CYS A 9 -4.07 -2.62 -0.15
C CYS A 9 -3.98 -2.95 -1.64
N THR A 10 -4.79 -2.28 -2.45
CA THR A 10 -4.79 -2.50 -3.89
C THR A 10 -4.75 -1.18 -4.66
N ARG A 11 -4.11 -1.20 -5.82
CA ARG A 11 -4.00 0.00 -6.64
C ARG A 11 -5.36 0.39 -7.21
N GLN A 12 -6.33 -0.51 -7.10
CA GLN A 12 -7.67 -0.26 -7.60
C GLN A 12 -8.49 0.53 -6.60
N HIS A 13 -8.23 0.29 -5.31
CA HIS A 13 -8.95 0.98 -4.25
C HIS A 13 -8.01 1.36 -3.11
N ARG A 14 -7.27 2.44 -3.30
CA ARG A 14 -6.32 2.91 -2.30
C ARG A 14 -7.04 3.32 -1.02
N GLU A 15 -6.54 2.86 0.12
CA GLU A 15 -7.13 3.18 1.41
C GLU A 15 -6.07 3.58 2.42
N CYS A 16 -4.88 3.90 1.92
CA CYS A 16 -3.77 4.31 2.79
C CYS A 16 -3.91 5.77 3.21
N CYS A 17 -3.41 6.09 4.39
CA CYS A 17 -3.48 7.44 4.92
C CYS A 17 -2.88 8.44 3.93
N HIS A 18 -3.28 9.70 4.05
CA HIS A 18 -2.79 10.75 3.17
C HIS A 18 -1.26 10.72 3.10
N GLY A 19 -0.62 10.70 4.26
CA GLY A 19 0.82 10.68 4.30
C GLY A 19 1.41 9.48 3.58
N LEU A 20 0.61 8.43 3.45
CA LEU A 20 1.06 7.21 2.78
C LEU A 20 0.40 7.08 1.40
N VAL A 21 0.84 6.08 0.63
CA VAL A 21 0.30 5.86 -0.71
C VAL A 21 0.26 4.37 -1.03
N CYS A 22 -0.84 3.93 -1.64
CA CYS A 22 -0.99 2.52 -2.00
C CYS A 22 -0.10 2.17 -3.19
N ARG A 23 1.03 1.52 -2.90
CA ARG A 23 1.98 1.12 -3.94
C ARG A 23 2.26 -0.37 -3.86
N ARG A 24 3.06 -0.86 -4.80
CA ARG A 24 3.42 -2.27 -4.85
C ARG A 24 3.87 -2.76 -3.47
N PRO A 25 3.96 -4.10 -3.32
CA PRO A 25 4.38 -4.72 -2.06
C PRO A 25 5.85 -4.49 -1.77
N ASP A 26 6.24 -4.68 -0.51
CA ASP A 26 7.63 -4.49 -0.09
C ASP A 26 8.43 -5.77 -0.31
N TYR A 27 7.75 -6.90 -0.27
CA TYR A 27 8.41 -8.20 -0.46
C TYR A 27 7.45 -9.19 -1.12
N GLY A 28 6.60 -8.69 -2.00
CA GLY A 28 5.66 -9.55 -2.69
C GLY A 28 6.30 -10.32 -3.82
N ILE A 29 6.77 -11.53 -3.52
CA ILE A 29 7.41 -12.37 -4.52
C ILE A 29 7.01 -13.82 -4.35
N GLY A 30 5.77 -14.13 -4.73
CA GLY A 30 5.27 -15.49 -4.62
C GLY A 30 3.77 -15.56 -4.49
N ARG A 31 3.18 -14.52 -3.93
CA ARG A 31 1.73 -14.46 -3.75
C ARG A 31 1.08 -13.56 -4.81
N GLY A 32 -0.20 -13.29 -4.64
CA GLY A 32 -0.91 -12.45 -5.58
C GLY A 32 -0.29 -11.07 -5.72
N ILE A 33 -0.95 -10.19 -6.46
CA ILE A 33 -0.46 -8.84 -6.67
C ILE A 33 -0.93 -7.90 -5.58
N LEU A 34 -0.53 -8.18 -4.35
CA LEU A 34 -0.91 -7.37 -3.19
C LEU A 34 -0.03 -6.12 -3.10
N TRP A 35 -0.67 -4.95 -3.11
CA TRP A 35 0.06 -3.69 -3.02
C TRP A 35 0.09 -3.19 -1.58
N LYS A 36 1.28 -2.86 -1.08
CA LYS A 36 1.43 -2.36 0.28
C LYS A 36 1.66 -0.85 0.27
N CYS A 37 1.10 -0.17 1.26
CA CYS A 37 1.24 1.28 1.37
C CYS A 37 2.70 1.65 1.64
N THR A 38 3.08 2.86 1.21
CA THR A 38 4.45 3.34 1.40
C THR A 38 4.46 4.85 1.65
N ARG A 39 5.27 5.27 2.62
CA ARG A 39 5.39 6.68 2.95
C ARG A 39 5.80 7.50 1.72
N ALA A 40 4.87 8.33 1.24
CA ALA A 40 5.14 9.17 0.08
C ALA A 40 6.30 10.12 0.33
N ARG A 41 7.05 10.43 -0.72
CA ARG A 41 8.19 11.33 -0.61
C ARG A 41 8.39 12.13 -1.89
N LYS A 42 7.32 12.76 -2.35
CA LYS A 42 7.36 13.57 -3.57
C LYS A 42 7.89 14.97 -3.27
N GLY A 1 -11.44 5.19 8.61
CA GLY A 1 -10.03 5.00 8.87
C GLY A 1 -9.24 4.72 7.61
N CYS A 2 -7.92 4.82 7.71
CA CYS A 2 -7.04 4.57 6.56
C CYS A 2 -5.96 3.57 6.91
N LYS A 3 -5.24 3.10 5.89
CA LYS A 3 -4.17 2.13 6.08
C LYS A 3 -2.90 2.82 6.59
N LYS A 4 -2.10 2.08 7.35
CA LYS A 4 -0.86 2.61 7.90
C LYS A 4 0.31 2.32 6.97
N LEU A 5 1.52 2.66 7.41
CA LEU A 5 2.73 2.43 6.62
C LEU A 5 2.92 0.94 6.35
N ASN A 6 3.23 0.61 5.10
CA ASN A 6 3.45 -0.78 4.72
C ASN A 6 2.18 -1.60 4.92
N SER A 7 1.03 -0.94 4.86
CA SER A 7 -0.25 -1.61 5.05
C SER A 7 -0.76 -2.17 3.73
N TYR A 8 -1.28 -3.40 3.78
CA TYR A 8 -1.79 -4.07 2.59
C TYR A 8 -2.98 -3.31 2.02
N CYS A 9 -3.02 -3.19 0.69
CA CYS A 9 -4.10 -2.48 0.01
C CYS A 9 -4.17 -2.88 -1.46
N THR A 10 -5.01 -2.18 -2.21
CA THR A 10 -5.17 -2.46 -3.63
C THR A 10 -4.94 -1.20 -4.46
N ARG A 11 -4.32 -1.37 -5.64
CA ARG A 11 -4.05 -0.25 -6.52
C ARG A 11 -5.34 0.28 -7.15
N GLN A 12 -6.38 -0.54 -7.12
CA GLN A 12 -7.67 -0.15 -7.69
C GLN A 12 -8.40 0.80 -6.75
N HIS A 13 -8.25 0.59 -5.45
CA HIS A 13 -8.91 1.43 -4.45
C HIS A 13 -7.98 1.69 -3.27
N ARG A 14 -7.09 2.65 -3.44
CA ARG A 14 -6.13 3.00 -2.39
C ARG A 14 -6.86 3.54 -1.16
N GLU A 15 -6.53 2.98 0.01
CA GLU A 15 -7.16 3.41 1.26
C GLU A 15 -6.10 3.84 2.27
N CYS A 16 -4.87 4.04 1.79
CA CYS A 16 -3.77 4.45 2.65
C CYS A 16 -3.98 5.87 3.16
N CYS A 17 -3.46 6.17 4.35
CA CYS A 17 -3.59 7.50 4.93
C CYS A 17 -2.98 8.56 4.02
N HIS A 18 -3.37 9.81 4.25
CA HIS A 18 -2.87 10.92 3.44
C HIS A 18 -1.34 10.95 3.44
N GLY A 19 -0.75 10.46 4.53
CA GLY A 19 0.69 10.43 4.64
C GLY A 19 1.30 9.18 4.06
N LEU A 20 0.51 8.45 3.29
CA LEU A 20 0.98 7.21 2.67
C LEU A 20 0.39 7.05 1.26
N VAL A 21 0.88 6.05 0.54
CA VAL A 21 0.40 5.78 -0.82
C VAL A 21 0.39 4.28 -1.11
N CYS A 22 -0.68 3.82 -1.73
CA CYS A 22 -0.82 2.41 -2.08
C CYS A 22 0.09 2.05 -3.24
N ARG A 23 1.18 1.35 -2.94
CA ARG A 23 2.13 0.93 -3.97
C ARG A 23 2.34 -0.58 -3.92
N ARG A 24 3.19 -1.07 -4.83
CA ARG A 24 3.48 -2.50 -4.90
C ARG A 24 3.80 -3.06 -3.51
N PRO A 25 3.82 -4.39 -3.41
CA PRO A 25 4.11 -5.08 -2.14
C PRO A 25 5.57 -4.94 -1.72
N ASP A 26 5.93 -5.58 -0.62
CA ASP A 26 7.31 -5.52 -0.12
C ASP A 26 8.17 -6.58 -0.79
N TYR A 27 7.74 -7.83 -0.71
CA TYR A 27 8.48 -8.94 -1.30
C TYR A 27 8.34 -8.94 -2.81
N GLY A 28 7.16 -8.52 -3.30
CA GLY A 28 6.92 -8.48 -4.73
C GLY A 28 5.61 -9.13 -5.11
N ILE A 29 5.41 -9.37 -6.40
CA ILE A 29 4.19 -9.99 -6.88
C ILE A 29 4.39 -11.49 -7.09
N GLY A 30 4.79 -12.17 -6.02
CA GLY A 30 5.00 -13.61 -6.10
C GLY A 30 3.73 -14.40 -5.82
N ARG A 31 2.95 -13.94 -4.85
CA ARG A 31 1.70 -14.61 -4.49
C ARG A 31 0.58 -13.60 -4.30
N GLY A 32 -0.44 -13.70 -5.14
CA GLY A 32 -1.57 -12.79 -5.05
C GLY A 32 -1.19 -11.36 -5.42
N ILE A 33 -2.18 -10.58 -5.85
CA ILE A 33 -1.95 -9.19 -6.23
C ILE A 33 -2.20 -8.25 -5.06
N LEU A 34 -1.53 -8.50 -3.94
CA LEU A 34 -1.68 -7.67 -2.75
C LEU A 34 -0.60 -6.60 -2.69
N TRP A 35 -1.02 -5.34 -2.73
CA TRP A 35 -0.09 -4.22 -2.69
C TRP A 35 0.08 -3.72 -1.25
N LYS A 36 1.14 -2.95 -1.02
CA LYS A 36 1.42 -2.40 0.30
C LYS A 36 1.62 -0.89 0.23
N CYS A 37 1.15 -0.20 1.27
CA CYS A 37 1.28 1.26 1.32
C CYS A 37 2.73 1.66 1.60
N THR A 38 3.07 2.89 1.20
CA THR A 38 4.42 3.40 1.40
C THR A 38 4.41 4.89 1.70
N ARG A 39 5.32 5.33 2.56
CA ARG A 39 5.41 6.74 2.93
C ARG A 39 5.88 7.57 1.74
N ALA A 40 4.95 8.30 1.13
CA ALA A 40 5.27 9.15 -0.02
C ALA A 40 6.39 10.13 0.31
N ARG A 41 6.84 10.89 -0.68
CA ARG A 41 7.90 11.86 -0.49
C ARG A 41 7.74 13.03 -1.45
N LYS A 42 7.20 14.14 -0.94
CA LYS A 42 6.99 15.33 -1.76
C LYS A 42 8.30 16.09 -1.96
N GLY A 1 -10.78 4.28 9.14
CA GLY A 1 -9.72 3.34 9.47
C GLY A 1 -8.81 3.06 8.28
N CYS A 2 -8.26 4.11 7.69
CA CYS A 2 -7.37 3.98 6.54
C CYS A 2 -6.22 3.03 6.86
N LYS A 3 -5.40 2.75 5.87
CA LYS A 3 -4.25 1.86 6.03
C LYS A 3 -3.04 2.62 6.55
N LYS A 4 -2.25 1.96 7.40
CA LYS A 4 -1.06 2.58 7.96
C LYS A 4 0.16 2.30 7.08
N LEU A 5 1.33 2.69 7.57
CA LEU A 5 2.58 2.49 6.83
C LEU A 5 2.82 1.00 6.58
N ASN A 6 3.16 0.67 5.34
CA ASN A 6 3.43 -0.72 4.97
C ASN A 6 2.17 -1.57 5.13
N SER A 7 1.01 -0.92 5.07
CA SER A 7 -0.26 -1.62 5.22
C SER A 7 -0.75 -2.15 3.86
N TYR A 8 -1.30 -3.35 3.87
CA TYR A 8 -1.81 -3.98 2.65
C TYR A 8 -2.94 -3.15 2.05
N CYS A 9 -2.96 -3.06 0.73
CA CYS A 9 -3.99 -2.30 0.03
C CYS A 9 -4.05 -2.69 -1.45
N THR A 10 -4.85 -1.96 -2.21
CA THR A 10 -5.00 -2.23 -3.63
C THR A 10 -4.81 -0.96 -4.46
N ARG A 11 -4.31 -1.12 -5.68
CA ARG A 11 -4.07 0.00 -6.58
C ARG A 11 -5.40 0.53 -7.14
N GLN A 12 -6.40 -0.33 -7.16
CA GLN A 12 -7.72 0.05 -7.68
C GLN A 12 -8.40 1.06 -6.77
N HIS A 13 -8.18 0.92 -5.46
CA HIS A 13 -8.76 1.82 -4.48
C HIS A 13 -7.82 2.03 -3.30
N ARG A 14 -6.94 3.01 -3.42
CA ARG A 14 -5.98 3.30 -2.36
C ARG A 14 -6.70 3.76 -1.09
N GLU A 15 -6.50 3.00 -0.01
CA GLU A 15 -7.13 3.33 1.26
C GLU A 15 -6.09 3.72 2.31
N CYS A 16 -4.88 4.02 1.84
CA CYS A 16 -3.78 4.40 2.73
C CYS A 16 -4.06 5.76 3.38
N CYS A 17 -3.58 5.92 4.61
CA CYS A 17 -3.77 7.18 5.33
C CYS A 17 -3.05 8.32 4.64
N HIS A 18 -3.42 9.55 5.00
CA HIS A 18 -2.81 10.73 4.41
C HIS A 18 -1.29 10.69 4.56
N GLY A 19 -0.58 10.91 3.45
CA GLY A 19 0.87 10.89 3.48
C GLY A 19 1.44 9.64 2.86
N LEU A 20 0.70 8.53 2.96
CA LEU A 20 1.15 7.26 2.40
C LEU A 20 0.58 7.05 0.99
N VAL A 21 1.06 6.02 0.31
CA VAL A 21 0.61 5.72 -1.04
C VAL A 21 0.60 4.21 -1.29
N CYS A 22 -0.46 3.72 -1.93
CA CYS A 22 -0.58 2.30 -2.24
C CYS A 22 0.34 1.91 -3.38
N ARG A 23 1.34 1.09 -3.08
CA ARG A 23 2.29 0.64 -4.09
C ARG A 23 2.48 -0.87 -4.02
N ARG A 24 3.40 -1.38 -4.83
CA ARG A 24 3.68 -2.81 -4.85
C ARG A 24 3.85 -3.37 -3.44
N PRO A 25 3.80 -4.69 -3.32
CA PRO A 25 3.93 -5.37 -2.03
C PRO A 25 5.35 -5.28 -1.47
N ASP A 26 5.51 -5.65 -0.20
CA ASP A 26 6.81 -5.60 0.45
C ASP A 26 7.61 -6.88 0.19
N TYR A 27 7.24 -7.95 0.88
CA TYR A 27 7.91 -9.24 0.72
C TYR A 27 7.01 -10.25 0.01
N GLY A 28 5.73 -9.92 -0.06
CA GLY A 28 4.78 -10.81 -0.72
C GLY A 28 4.66 -12.14 -0.02
N ILE A 29 3.57 -12.86 -0.28
CA ILE A 29 3.34 -14.16 0.33
C ILE A 29 3.29 -15.26 -0.73
N GLY A 30 4.18 -15.16 -1.71
CA GLY A 30 4.22 -16.16 -2.77
C GLY A 30 3.19 -15.90 -3.85
N ARG A 31 1.96 -15.59 -3.43
CA ARG A 31 0.88 -15.33 -4.37
C ARG A 31 0.02 -14.16 -3.89
N GLY A 32 -1.05 -13.88 -4.63
CA GLY A 32 -1.94 -12.79 -4.26
C GLY A 32 -1.38 -11.44 -4.66
N ILE A 33 -2.21 -10.61 -5.30
CA ILE A 33 -1.79 -9.29 -5.73
C ILE A 33 -2.15 -8.23 -4.68
N LEU A 34 -1.63 -8.40 -3.48
CA LEU A 34 -1.90 -7.46 -2.40
C LEU A 34 -0.80 -6.40 -2.31
N TRP A 35 -1.13 -5.17 -2.69
CA TRP A 35 -0.18 -4.08 -2.64
C TRP A 35 0.06 -3.62 -1.21
N LYS A 36 1.12 -2.82 -1.02
CA LYS A 36 1.47 -2.32 0.31
C LYS A 36 1.63 -0.80 0.28
N CYS A 37 1.19 -0.15 1.35
CA CYS A 37 1.29 1.30 1.46
C CYS A 37 2.71 1.73 1.81
N THR A 38 3.13 2.87 1.26
CA THR A 38 4.47 3.39 1.52
C THR A 38 4.44 4.90 1.75
N ARG A 39 5.39 5.39 2.52
CA ARG A 39 5.48 6.82 2.81
C ARG A 39 5.88 7.60 1.57
N ALA A 40 4.91 8.28 0.96
CA ALA A 40 5.16 9.06 -0.24
C ALA A 40 6.19 10.16 0.03
N ARG A 41 6.50 10.94 -1.01
CA ARG A 41 7.48 12.01 -0.88
C ARG A 41 7.16 13.14 -1.85
N LYS A 42 6.53 14.20 -1.34
CA LYS A 42 6.17 15.35 -2.15
C LYS A 42 7.39 16.20 -2.47
N GLY A 1 -10.79 3.04 9.07
CA GLY A 1 -10.37 4.31 8.52
C GLY A 1 -9.51 4.16 7.29
N CYS A 2 -8.20 4.29 7.46
CA CYS A 2 -7.26 4.17 6.35
C CYS A 2 -6.17 3.15 6.67
N LYS A 3 -5.29 2.92 5.70
CA LYS A 3 -4.19 1.96 5.88
C LYS A 3 -2.98 2.64 6.48
N LYS A 4 -2.25 1.92 7.33
CA LYS A 4 -1.06 2.44 7.98
C LYS A 4 0.18 2.17 7.14
N LEU A 5 1.34 2.50 7.69
CA LEU A 5 2.60 2.28 6.99
C LEU A 5 2.80 0.80 6.67
N ASN A 6 3.13 0.51 5.41
CA ASN A 6 3.35 -0.86 4.98
C ASN A 6 2.07 -1.69 5.11
N SER A 7 0.93 -1.02 5.07
CA SER A 7 -0.35 -1.68 5.18
C SER A 7 -0.85 -2.18 3.83
N TYR A 8 -1.46 -3.36 3.82
CA TYR A 8 -1.97 -3.95 2.59
C TYR A 8 -3.10 -3.10 2.00
N CYS A 9 -3.11 -2.97 0.68
CA CYS A 9 -4.12 -2.19 -0.01
C CYS A 9 -4.20 -2.58 -1.48
N THR A 10 -4.99 -1.83 -2.24
CA THR A 10 -5.15 -2.09 -3.67
C THR A 10 -4.77 -0.88 -4.51
N ARG A 11 -4.11 -1.14 -5.63
CA ARG A 11 -3.69 -0.06 -6.52
C ARG A 11 -4.88 0.56 -7.23
N GLN A 12 -6.00 -0.17 -7.27
CA GLN A 12 -7.21 0.32 -7.93
C GLN A 12 -7.97 1.29 -7.02
N HIS A 13 -7.86 1.06 -5.72
CA HIS A 13 -8.54 1.92 -4.74
C HIS A 13 -7.65 2.17 -3.53
N ARG A 14 -6.78 3.16 -3.64
CA ARG A 14 -5.87 3.51 -2.55
C ARG A 14 -6.64 3.99 -1.33
N GLU A 15 -6.29 3.45 -0.16
CA GLU A 15 -6.95 3.82 1.09
C GLU A 15 -5.92 4.07 2.19
N CYS A 16 -4.69 4.36 1.79
CA CYS A 16 -3.62 4.62 2.75
C CYS A 16 -3.82 5.97 3.44
N CYS A 17 -3.37 6.06 4.69
CA CYS A 17 -3.50 7.29 5.46
C CYS A 17 -2.69 8.41 4.84
N HIS A 18 -3.04 9.65 5.17
CA HIS A 18 -2.34 10.81 4.65
C HIS A 18 -0.84 10.67 4.86
N GLY A 19 -0.08 10.89 3.79
CA GLY A 19 1.37 10.78 3.88
C GLY A 19 1.90 9.51 3.22
N LEU A 20 1.10 8.46 3.25
CA LEU A 20 1.49 7.19 2.66
C LEU A 20 0.91 7.04 1.25
N VAL A 21 1.34 6.00 0.55
CA VAL A 21 0.86 5.74 -0.80
C VAL A 21 0.77 4.24 -1.08
N CYS A 22 -0.30 3.82 -1.73
CA CYS A 22 -0.51 2.41 -2.05
C CYS A 22 0.43 1.97 -3.17
N ARG A 23 1.53 1.34 -2.78
CA ARG A 23 2.52 0.88 -3.75
C ARG A 23 2.62 -0.65 -3.73
N ARG A 24 3.40 -1.20 -4.65
CA ARG A 24 3.58 -2.64 -4.74
C ARG A 24 3.89 -3.25 -3.37
N PRO A 25 3.78 -4.58 -3.26
CA PRO A 25 4.05 -5.30 -2.02
C PRO A 25 5.54 -5.28 -1.64
N ASP A 26 5.85 -5.91 -0.51
CA ASP A 26 7.24 -5.96 -0.05
C ASP A 26 7.99 -7.13 -0.69
N TYR A 27 7.28 -8.24 -0.87
CA TYR A 27 7.88 -9.44 -1.47
C TYR A 27 7.84 -9.36 -2.99
N GLY A 28 6.80 -8.74 -3.52
CA GLY A 28 6.66 -8.60 -4.95
C GLY A 28 5.51 -9.43 -5.50
N ILE A 29 5.64 -10.75 -5.42
CA ILE A 29 4.60 -11.65 -5.92
C ILE A 29 4.34 -12.78 -4.93
N GLY A 30 4.31 -12.44 -3.64
CA GLY A 30 4.07 -13.44 -2.62
C GLY A 30 2.78 -14.21 -2.86
N ARG A 31 1.66 -13.51 -2.81
CA ARG A 31 0.36 -14.14 -3.01
C ARG A 31 -0.68 -13.11 -3.43
N GLY A 32 -1.35 -13.36 -4.56
CA GLY A 32 -2.36 -12.43 -5.05
C GLY A 32 -1.79 -11.07 -5.36
N ILE A 33 -2.65 -10.17 -5.83
CA ILE A 33 -2.24 -8.81 -6.16
C ILE A 33 -2.46 -7.86 -4.99
N LEU A 34 -1.84 -8.19 -3.85
CA LEU A 34 -1.97 -7.36 -2.66
C LEU A 34 -0.81 -6.37 -2.55
N TRP A 35 -1.11 -5.09 -2.72
CA TRP A 35 -0.10 -4.05 -2.64
C TRP A 35 0.06 -3.55 -1.21
N LYS A 36 1.20 -2.93 -0.92
CA LYS A 36 1.48 -2.40 0.41
C LYS A 36 1.72 -0.90 0.36
N CYS A 37 1.22 -0.19 1.37
CA CYS A 37 1.37 1.26 1.44
C CYS A 37 2.80 1.63 1.84
N THR A 38 3.25 2.80 1.40
CA THR A 38 4.59 3.27 1.71
C THR A 38 4.61 4.80 1.89
N ARG A 39 5.38 5.25 2.87
CA ARG A 39 5.50 6.68 3.15
C ARG A 39 6.01 7.43 1.92
N ALA A 40 5.10 8.00 1.15
CA ALA A 40 5.45 8.75 -0.05
C ALA A 40 4.29 9.61 -0.53
N ARG A 41 4.52 10.36 -1.60
CA ARG A 41 3.49 11.22 -2.16
C ARG A 41 3.59 11.27 -3.69
N LYS A 42 2.66 10.56 -4.35
CA LYS A 42 2.64 10.52 -5.80
C LYS A 42 2.06 11.80 -6.38
#